data_4C4X
#
_entry.id   4C4X
#
_cell.length_a   47.690
_cell.length_b   79.870
_cell.length_c   88.610
_cell.angle_alpha   90.00
_cell.angle_beta   89.95
_cell.angle_gamma   90.00
#
_symmetry.space_group_name_H-M   'P 1 21 1'
#
loop_
_entity.id
_entity.type
_entity.pdbx_description
1 polymer 'BIFUNCTIONAL EPOXIDE HYDROLASE 2'
2 non-polymer 3-(3,4-dichlorophenyl)-1,1-dimethyl-urea
3 water water
#
_entity_poly.entity_id   1
_entity_poly.type   'polypeptide(L)'
_entity_poly.pdbx_seq_one_letter_code
;TSCNPSDMSHGYVTVKPRVRLHFVELGSGPAVCLCHGFPESWYSWRYQIPALAQAGYRVLAMDMKGYGESSAPPEIEEYC
MEVLCKEMVTFLDKLGLSQAVFIGHDWGGMLVWYMALFYPERVRAVASLNTPFIPANPNMSPLESIKANPVFDYQLYFQE
PGVAEAELEQNLSRTFKSLFRASDESVLSMHKVCEAGGLFVNSPEEPSLSRMVTEEEIQFYVQQFKKSGFRGPLNWYRNM
ERNWKWACKSLGRKILIPALMVTAEKDFVLVPQMSQHMEDWIPHLKRGHIEDCGHWTQMDKPTEVNQILIKWLDSDARNP
PVVSKM
;
_entity_poly.pdbx_strand_id   A,B
#
# COMPACT_ATOMS: atom_id res chain seq x y z
N SER A 6 -0.85 -5.48 -12.38
CA SER A 6 -1.41 -4.16 -12.68
C SER A 6 -2.89 -4.02 -12.26
N ASP A 7 -3.56 -5.16 -11.98
CA ASP A 7 -4.93 -5.20 -11.47
C ASP A 7 -4.85 -5.13 -9.94
N MET A 8 -3.62 -5.25 -9.40
CA MET A 8 -3.28 -5.24 -7.98
C MET A 8 -2.72 -3.88 -7.53
N SER A 9 -2.86 -3.58 -6.24
CA SER A 9 -2.30 -2.37 -5.62
C SER A 9 -0.90 -2.74 -5.15
N HIS A 10 0.13 -2.03 -5.65
CA HIS A 10 1.52 -2.32 -5.32
C HIS A 10 2.09 -1.39 -4.26
N GLY A 11 2.60 -1.98 -3.18
CA GLY A 11 3.20 -1.27 -2.05
C GLY A 11 4.71 -1.45 -1.97
N TYR A 12 5.41 -0.41 -1.48
CA TYR A 12 6.87 -0.39 -1.35
C TYR A 12 7.31 0.23 -0.03
N VAL A 13 8.05 -0.52 0.79
CA VAL A 13 8.55 -0.09 2.10
C VAL A 13 10.08 -0.25 2.14
N THR A 14 10.80 0.88 2.34
CA THR A 14 12.26 0.88 2.45
C THR A 14 12.58 0.57 3.92
N VAL A 15 13.13 -0.62 4.18
CA VAL A 15 13.47 -1.10 5.54
C VAL A 15 14.91 -0.77 5.96
N LYS A 16 15.82 -0.67 4.98
CA LYS A 16 17.25 -0.35 5.11
C LYS A 16 17.64 0.56 3.94
N PRO A 17 18.70 1.41 4.03
CA PRO A 17 19.07 2.27 2.88
C PRO A 17 19.20 1.58 1.52
N ARG A 18 19.59 0.29 1.50
CA ARG A 18 19.73 -0.51 0.28
C ARG A 18 18.60 -1.54 0.10
N VAL A 19 17.80 -1.80 1.15
CA VAL A 19 16.71 -2.80 1.12
C VAL A 19 15.31 -2.17 1.08
N ARG A 20 14.55 -2.48 0.03
CA ARG A 20 13.17 -2.04 -0.17
C ARG A 20 12.30 -3.27 -0.43
N LEU A 21 11.23 -3.46 0.37
CA LEU A 21 10.34 -4.61 0.26
C LEU A 21 9.05 -4.28 -0.49
N HIS A 22 8.72 -5.10 -1.50
CA HIS A 22 7.53 -4.97 -2.32
C HIS A 22 6.44 -5.95 -1.86
N PHE A 23 5.17 -5.52 -1.96
CA PHE A 23 4.00 -6.32 -1.61
C PHE A 23 2.77 -5.90 -2.40
N VAL A 24 1.82 -6.83 -2.57
CA VAL A 24 0.53 -6.56 -3.21
C VAL A 24 -0.52 -6.47 -2.10
N GLU A 25 -1.42 -5.48 -2.19
CA GLU A 25 -2.40 -5.25 -1.16
C GLU A 25 -3.84 -5.33 -1.65
N LEU A 26 -4.68 -6.12 -0.96
CA LEU A 26 -6.09 -6.29 -1.31
C LEU A 26 -6.95 -6.56 -0.07
N GLY A 27 -8.05 -5.82 0.03
CA GLY A 27 -9.02 -5.96 1.11
C GLY A 27 -8.86 -5.04 2.30
N SER A 28 -9.80 -5.16 3.24
CA SER A 28 -9.89 -4.41 4.48
C SER A 28 -10.13 -5.37 5.64
N GLY A 29 -9.71 -4.97 6.83
CA GLY A 29 -9.85 -5.75 8.06
C GLY A 29 -8.51 -6.03 8.70
N PRO A 30 -8.39 -7.09 9.54
CA PRO A 30 -7.08 -7.38 10.17
C PRO A 30 -5.99 -7.67 9.13
N ALA A 31 -4.78 -7.15 9.39
CA ALA A 31 -3.62 -7.29 8.50
C ALA A 31 -3.13 -8.74 8.47
N VAL A 32 -3.07 -9.31 7.25
CA VAL A 32 -2.62 -10.68 7.02
C VAL A 32 -1.41 -10.62 6.07
N CYS A 33 -0.22 -10.93 6.62
CA CYS A 33 1.04 -10.90 5.88
C CYS A 33 1.39 -12.30 5.34
N LEU A 34 1.26 -12.48 4.02
CA LEU A 34 1.55 -13.75 3.34
C LEU A 34 3.02 -13.78 2.91
N CYS A 35 3.75 -14.84 3.30
CA CYS A 35 5.17 -15.01 3.02
C CYS A 35 5.47 -16.27 2.22
N HIS A 36 5.87 -16.10 0.95
CA HIS A 36 6.17 -17.22 0.05
C HIS A 36 7.48 -17.95 0.37
N GLY A 37 7.68 -19.09 -0.29
CA GLY A 37 8.87 -19.91 -0.14
C GLY A 37 9.84 -19.80 -1.30
N PHE A 38 10.69 -20.82 -1.48
CA PHE A 38 11.69 -20.85 -2.53
C PHE A 38 11.34 -21.86 -3.63
N PRO A 39 11.52 -21.52 -4.93
CA PRO A 39 11.90 -20.23 -5.53
C PRO A 39 10.60 -19.56 -6.00
N GLU A 40 9.89 -18.91 -5.08
CA GLU A 40 8.57 -18.38 -5.39
C GLU A 40 8.37 -16.88 -5.59
N SER A 41 7.13 -16.37 -5.38
CA SER A 41 6.71 -14.99 -5.61
C SER A 41 5.43 -14.70 -4.82
N TRP A 42 4.97 -13.42 -4.81
CA TRP A 42 3.69 -13.04 -4.19
C TRP A 42 2.57 -13.78 -4.93
N TYR A 43 2.83 -14.03 -6.24
CA TYR A 43 1.97 -14.72 -7.20
C TYR A 43 1.63 -16.15 -6.77
N SER A 44 2.42 -16.74 -5.85
CA SER A 44 2.14 -18.07 -5.31
C SER A 44 0.88 -18.05 -4.44
N TRP A 45 0.52 -16.88 -3.92
CA TRP A 45 -0.66 -16.66 -3.09
C TRP A 45 -1.87 -16.18 -3.92
N ARG A 46 -1.78 -16.24 -5.27
CA ARG A 46 -2.82 -15.80 -6.22
C ARG A 46 -4.26 -16.24 -5.93
N TYR A 47 -4.45 -17.48 -5.44
CA TYR A 47 -5.77 -18.01 -5.11
C TYR A 47 -6.22 -17.58 -3.70
N GLN A 48 -5.25 -17.33 -2.80
CA GLN A 48 -5.48 -16.93 -1.41
C GLN A 48 -5.83 -15.45 -1.27
N ILE A 49 -5.16 -14.57 -2.06
CA ILE A 49 -5.37 -13.12 -2.03
C ILE A 49 -6.86 -12.69 -2.13
N PRO A 50 -7.64 -13.00 -3.21
CA PRO A 50 -9.05 -12.58 -3.23
C PRO A 50 -9.93 -13.29 -2.21
N ALA A 51 -9.66 -14.58 -1.94
CA ALA A 51 -10.42 -15.40 -0.98
C ALA A 51 -10.35 -14.85 0.45
N LEU A 52 -9.14 -14.49 0.91
CA LEU A 52 -8.91 -13.94 2.25
C LEU A 52 -9.46 -12.52 2.37
N ALA A 53 -9.37 -11.72 1.28
CA ALA A 53 -9.89 -10.35 1.22
C ALA A 53 -11.42 -10.36 1.24
N GLN A 54 -12.06 -11.30 0.50
CA GLN A 54 -13.52 -11.47 0.45
C GLN A 54 -14.05 -11.95 1.80
N ALA A 55 -13.22 -12.67 2.59
CA ALA A 55 -13.53 -13.18 3.92
C ALA A 55 -13.49 -12.09 5.01
N GLY A 56 -12.96 -10.91 4.66
CA GLY A 56 -12.88 -9.76 5.55
C GLY A 56 -11.51 -9.48 6.14
N TYR A 57 -10.44 -9.68 5.35
CA TYR A 57 -9.06 -9.44 5.81
C TYR A 57 -8.26 -8.57 4.85
N ARG A 58 -7.32 -7.78 5.41
CA ARG A 58 -6.43 -6.90 4.65
C ARG A 58 -5.20 -7.74 4.29
N VAL A 59 -5.13 -8.18 3.03
CA VAL A 59 -4.06 -9.05 2.54
C VAL A 59 -2.82 -8.27 2.11
N LEU A 60 -1.65 -8.68 2.64
CA LEU A 60 -0.35 -8.11 2.31
C LEU A 60 0.53 -9.28 1.85
N ALA A 61 0.48 -9.59 0.53
CA ALA A 61 1.26 -10.69 -0.04
C ALA A 61 2.62 -10.19 -0.48
N MET A 62 3.65 -10.59 0.29
CA MET A 62 5.03 -10.19 0.13
C MET A 62 5.74 -10.76 -1.07
N ASP A 63 6.73 -10.00 -1.52
CA ASP A 63 7.74 -10.40 -2.47
C ASP A 63 8.91 -10.40 -1.48
N MET A 64 9.30 -11.61 -1.01
CA MET A 64 10.35 -11.76 0.00
C MET A 64 11.69 -11.18 -0.47
N LYS A 65 12.63 -10.94 0.46
CA LYS A 65 13.96 -10.40 0.13
C LYS A 65 14.66 -11.30 -0.88
N GLY A 66 15.14 -10.70 -1.96
CA GLY A 66 15.80 -11.39 -3.06
C GLY A 66 14.87 -11.83 -4.17
N TYR A 67 13.57 -11.52 -4.05
CA TYR A 67 12.55 -11.92 -5.03
C TYR A 67 11.83 -10.73 -5.68
N GLY A 68 11.43 -10.92 -6.94
CA GLY A 68 10.67 -9.98 -7.76
C GLY A 68 11.09 -8.52 -7.71
N GLU A 69 10.16 -7.66 -7.27
CA GLU A 69 10.36 -6.21 -7.17
C GLU A 69 11.04 -5.77 -5.87
N SER A 70 11.29 -6.72 -4.93
CA SER A 70 11.99 -6.45 -3.69
C SER A 70 13.50 -6.46 -3.93
N SER A 71 14.26 -5.74 -3.08
CA SER A 71 15.72 -5.62 -3.17
C SER A 71 16.42 -6.97 -3.04
N ALA A 72 17.46 -7.18 -3.86
CA ALA A 72 18.22 -8.43 -3.88
C ALA A 72 19.74 -8.21 -3.72
N PRO A 73 20.25 -7.89 -2.50
CA PRO A 73 21.69 -7.71 -2.34
C PRO A 73 22.48 -9.01 -2.53
N PRO A 74 23.70 -9.00 -3.12
CA PRO A 74 24.41 -10.27 -3.34
C PRO A 74 24.96 -10.95 -2.07
N GLU A 75 25.11 -10.18 -0.97
CA GLU A 75 25.63 -10.64 0.32
C GLU A 75 24.81 -11.77 0.93
N ILE A 76 25.49 -12.85 1.35
CA ILE A 76 24.89 -14.04 1.97
C ILE A 76 24.28 -13.71 3.35
N GLU A 77 25.02 -12.91 4.16
CA GLU A 77 24.64 -12.46 5.52
C GLU A 77 23.30 -11.73 5.57
N GLU A 78 22.89 -11.11 4.46
CA GLU A 78 21.64 -10.36 4.32
C GLU A 78 20.39 -11.28 4.31
N TYR A 79 20.60 -12.61 4.19
CA TYR A 79 19.51 -13.59 4.10
C TYR A 79 19.38 -14.53 5.30
N CYS A 80 19.99 -14.17 6.44
CA CYS A 80 19.87 -14.96 7.67
C CYS A 80 18.54 -14.58 8.33
N MET A 81 17.93 -15.52 9.08
CA MET A 81 16.65 -15.32 9.77
C MET A 81 16.61 -14.06 10.64
N GLU A 82 17.72 -13.74 11.32
CA GLU A 82 17.87 -12.57 12.18
C GLU A 82 17.62 -11.25 11.41
N VAL A 83 18.34 -11.04 10.29
CA VAL A 83 18.22 -9.85 9.44
C VAL A 83 16.82 -9.77 8.81
N LEU A 84 16.32 -10.89 8.26
CA LEU A 84 15.02 -11.00 7.61
C LEU A 84 13.86 -10.66 8.55
N CYS A 85 13.90 -11.16 9.81
CA CYS A 85 12.87 -10.91 10.83
C CYS A 85 12.84 -9.45 11.27
N LYS A 86 14.03 -8.84 11.51
CA LYS A 86 14.18 -7.44 11.93
C LYS A 86 13.65 -6.49 10.85
N GLU A 87 13.82 -6.86 9.57
CA GLU A 87 13.34 -6.11 8.41
C GLU A 87 11.81 -6.16 8.36
N MET A 88 11.22 -7.33 8.71
CA MET A 88 9.76 -7.52 8.75
C MET A 88 9.12 -6.70 9.87
N VAL A 89 9.84 -6.48 10.99
CA VAL A 89 9.40 -5.66 12.13
C VAL A 89 9.37 -4.19 11.67
N THR A 90 10.46 -3.73 11.00
CA THR A 90 10.60 -2.38 10.43
C THR A 90 9.51 -2.13 9.38
N PHE A 91 9.16 -3.17 8.60
CA PHE A 91 8.11 -3.17 7.58
C PHE A 91 6.76 -2.85 8.22
N LEU A 92 6.46 -3.47 9.40
CA LEU A 92 5.24 -3.23 10.15
C LEU A 92 5.22 -1.83 10.75
N ASP A 93 6.38 -1.36 11.28
CA ASP A 93 6.56 -0.03 11.88
C ASP A 93 6.27 1.09 10.89
N LYS A 94 6.82 1.01 9.67
CA LYS A 94 6.64 2.02 8.63
C LYS A 94 5.23 2.05 8.03
N LEU A 95 4.50 0.93 8.13
CA LEU A 95 3.11 0.80 7.68
C LEU A 95 2.13 1.18 8.80
N GLY A 96 2.66 1.42 10.00
CA GLY A 96 1.88 1.79 11.18
C GLY A 96 1.05 0.65 11.74
N LEU A 97 1.56 -0.59 11.59
CA LEU A 97 0.88 -1.80 12.07
C LEU A 97 1.54 -2.28 13.36
N SER A 98 0.75 -2.31 14.46
CA SER A 98 1.21 -2.76 15.76
C SER A 98 1.35 -4.28 15.73
N GLN A 99 0.41 -4.96 15.03
CA GLN A 99 0.35 -6.40 14.88
C GLN A 99 -0.12 -6.79 13.47
N ALA A 100 0.19 -8.02 13.07
CA ALA A 100 -0.22 -8.62 11.80
C ALA A 100 -0.24 -10.12 11.93
N VAL A 101 -1.16 -10.77 11.20
CA VAL A 101 -1.24 -12.22 11.15
C VAL A 101 -0.18 -12.60 10.13
N PHE A 102 0.72 -13.53 10.49
CA PHE A 102 1.79 -13.97 9.60
C PHE A 102 1.56 -15.40 9.13
N ILE A 103 1.35 -15.55 7.81
CA ILE A 103 1.14 -16.85 7.18
C ILE A 103 2.29 -17.06 6.20
N GLY A 104 3.03 -18.16 6.41
CA GLY A 104 4.17 -18.49 5.58
C GLY A 104 4.14 -19.89 5.03
N HIS A 105 4.80 -20.07 3.88
CA HIS A 105 4.94 -21.36 3.21
C HIS A 105 6.42 -21.56 2.90
N ASP A 106 6.93 -22.79 3.13
CA ASP A 106 8.33 -23.16 2.87
C ASP A 106 9.32 -22.29 3.68
N TRP A 107 10.21 -21.51 3.01
CA TRP A 107 11.16 -20.63 3.69
C TRP A 107 10.45 -19.47 4.40
N GLY A 108 9.28 -19.09 3.90
CA GLY A 108 8.41 -18.08 4.49
C GLY A 108 7.79 -18.61 5.76
N GLY A 109 7.52 -19.92 5.78
CA GLY A 109 7.01 -20.66 6.92
C GLY A 109 8.01 -20.69 8.05
N MET A 110 9.31 -20.84 7.70
CA MET A 110 10.42 -20.84 8.63
C MET A 110 10.53 -19.43 9.26
N LEU A 111 10.39 -18.38 8.43
CA LEU A 111 10.43 -16.97 8.85
C LEU A 111 9.30 -16.65 9.84
N VAL A 112 8.05 -17.06 9.52
CA VAL A 112 6.89 -16.81 10.38
C VAL A 112 6.99 -17.42 11.78
N TRP A 113 7.65 -18.60 11.89
CA TRP A 113 7.88 -19.27 13.18
C TRP A 113 8.90 -18.48 14.01
N TYR A 114 9.98 -17.97 13.35
CA TYR A 114 11.02 -17.16 13.97
C TYR A 114 10.44 -15.78 14.38
N MET A 115 9.50 -15.25 13.58
CA MET A 115 8.80 -13.99 13.86
C MET A 115 7.90 -14.15 15.10
N ALA A 116 7.24 -15.31 15.22
CA ALA A 116 6.35 -15.63 16.35
C ALA A 116 7.15 -15.92 17.62
N LEU A 117 8.36 -16.49 17.48
CA LEU A 117 9.23 -16.84 18.60
C LEU A 117 9.97 -15.62 19.17
N PHE A 118 10.59 -14.80 18.30
CA PHE A 118 11.36 -13.62 18.72
C PHE A 118 10.59 -12.31 18.81
N TYR A 119 9.45 -12.19 18.10
CA TYR A 119 8.63 -10.97 18.12
C TYR A 119 7.14 -11.33 18.29
N PRO A 120 6.70 -12.02 19.39
CA PRO A 120 5.27 -12.36 19.52
C PRO A 120 4.33 -11.17 19.68
N GLU A 121 4.85 -10.02 20.16
CA GLU A 121 4.07 -8.78 20.35
C GLU A 121 3.64 -8.15 19.02
N ARG A 122 4.31 -8.52 17.90
CA ARG A 122 4.05 -7.99 16.56
C ARG A 122 3.31 -8.99 15.67
N VAL A 123 3.11 -10.22 16.18
CA VAL A 123 2.41 -11.29 15.44
C VAL A 123 1.11 -11.64 16.19
N ARG A 124 -0.05 -11.24 15.61
CA ARG A 124 -1.39 -11.47 16.15
C ARG A 124 -1.68 -12.98 16.19
N ALA A 125 -1.33 -13.68 15.11
CA ALA A 125 -1.51 -15.12 14.93
C ALA A 125 -0.51 -15.62 13.89
N VAL A 126 -0.06 -16.87 14.01
CA VAL A 126 0.91 -17.46 13.10
C VAL A 126 0.40 -18.74 12.42
N ALA A 127 0.59 -18.84 11.09
CA ALA A 127 0.20 -20.01 10.31
C ALA A 127 1.33 -20.44 9.39
N SER A 128 1.53 -21.76 9.27
CA SER A 128 2.57 -22.30 8.42
C SER A 128 2.09 -23.42 7.54
N LEU A 129 2.42 -23.32 6.25
CA LEU A 129 2.09 -24.35 5.27
C LEU A 129 3.36 -25.17 5.06
N ASN A 130 3.30 -26.47 5.40
CA ASN A 130 4.36 -27.50 5.26
C ASN A 130 5.54 -27.40 6.24
N THR A 131 6.03 -26.18 6.52
CA THR A 131 7.18 -25.95 7.40
C THR A 131 6.87 -26.11 8.89
N PRO A 132 7.51 -27.10 9.57
CA PRO A 132 7.28 -27.25 11.01
C PRO A 132 8.19 -26.36 11.85
N PHE A 133 7.94 -26.32 13.17
CA PHE A 133 8.78 -25.57 14.11
C PHE A 133 9.71 -26.57 14.79
N ILE A 134 11.01 -26.50 14.44
CA ILE A 134 12.03 -27.40 14.99
C ILE A 134 12.87 -26.62 16.01
N PRO A 135 12.79 -26.96 17.33
CA PRO A 135 13.62 -26.24 18.31
C PRO A 135 15.08 -26.66 18.17
N ALA A 136 15.98 -25.68 18.00
CA ALA A 136 17.42 -25.89 17.79
C ALA A 136 18.09 -26.70 18.90
N ASN A 137 18.82 -27.75 18.50
CA ASN A 137 19.56 -28.62 19.43
C ASN A 137 20.89 -27.93 19.76
N PRO A 138 21.15 -27.60 21.05
CA PRO A 138 22.41 -26.92 21.38
C PRO A 138 23.66 -27.80 21.31
N ASN A 139 23.47 -29.13 21.26
CA ASN A 139 24.55 -30.12 21.20
C ASN A 139 24.80 -30.69 19.79
N MET A 140 23.85 -30.49 18.85
CA MET A 140 23.97 -30.99 17.48
C MET A 140 24.14 -29.86 16.45
N SER A 141 25.11 -30.03 15.53
CA SER A 141 25.45 -29.11 14.46
C SER A 141 24.36 -29.10 13.36
N PRO A 142 24.06 -27.94 12.71
CA PRO A 142 23.03 -27.94 11.65
C PRO A 142 23.41 -28.75 10.40
N LEU A 143 24.72 -28.86 10.11
CA LEU A 143 25.26 -29.61 8.97
C LEU A 143 25.04 -31.12 9.17
N GLU A 144 25.11 -31.59 10.43
CA GLU A 144 24.92 -32.99 10.82
C GLU A 144 23.46 -33.44 10.65
N SER A 145 22.51 -32.50 10.81
CA SER A 145 21.07 -32.74 10.66
C SER A 145 20.68 -32.95 9.19
N ILE A 146 21.34 -32.21 8.27
CA ILE A 146 21.13 -32.28 6.82
C ILE A 146 21.65 -33.63 6.26
N LYS A 147 22.86 -34.02 6.67
CA LYS A 147 23.52 -35.27 6.25
C LYS A 147 22.88 -36.55 6.82
N ALA A 148 22.13 -36.42 7.94
CA ALA A 148 21.45 -37.54 8.60
C ALA A 148 20.36 -38.17 7.72
N ASN A 149 19.49 -37.32 7.12
CA ASN A 149 18.42 -37.75 6.24
C ASN A 149 18.89 -37.57 4.78
N PRO A 150 18.96 -38.66 3.97
CA PRO A 150 19.46 -38.52 2.59
C PRO A 150 18.64 -37.64 1.65
N VAL A 151 17.34 -37.42 1.95
CA VAL A 151 16.42 -36.60 1.17
C VAL A 151 16.84 -35.12 1.04
N PHE A 152 17.61 -34.59 2.02
CA PHE A 152 18.08 -33.20 2.05
C PHE A 152 19.44 -32.97 1.36
N ASP A 153 19.79 -33.81 0.36
CA ASP A 153 21.06 -33.71 -0.38
C ASP A 153 21.14 -32.46 -1.29
N TYR A 154 19.98 -31.95 -1.74
CA TYR A 154 19.85 -30.76 -2.58
C TYR A 154 20.32 -29.49 -1.86
N GLN A 155 20.15 -29.44 -0.52
CA GLN A 155 20.54 -28.32 0.34
C GLN A 155 22.05 -28.10 0.35
N LEU A 156 22.83 -29.21 0.31
CA LEU A 156 24.29 -29.18 0.26
C LEU A 156 24.76 -28.68 -1.11
N TYR A 157 24.00 -29.01 -2.18
CA TYR A 157 24.24 -28.58 -3.55
C TYR A 157 23.94 -27.07 -3.70
N PHE A 158 23.04 -26.53 -2.85
CA PHE A 158 22.64 -25.13 -2.83
C PHE A 158 23.59 -24.23 -2.00
N GLN A 159 24.64 -24.81 -1.39
CA GLN A 159 25.59 -24.10 -0.54
C GLN A 159 26.62 -23.23 -1.28
N GLU A 160 27.32 -23.80 -2.28
CA GLU A 160 28.35 -23.09 -3.06
C GLU A 160 27.76 -22.01 -3.97
N PRO A 161 28.10 -20.71 -3.77
CA PRO A 161 27.53 -19.66 -4.63
C PRO A 161 27.97 -19.73 -6.08
N GLY A 162 27.00 -19.58 -6.98
CA GLY A 162 27.22 -19.61 -8.42
C GLY A 162 26.96 -20.94 -9.08
N VAL A 163 27.05 -22.04 -8.32
CA VAL A 163 26.84 -23.42 -8.81
C VAL A 163 25.38 -23.67 -9.17
N ALA A 164 24.46 -23.64 -8.18
CA ALA A 164 23.03 -23.85 -8.39
C ALA A 164 22.40 -22.72 -9.21
N GLU A 165 22.96 -21.49 -9.09
CA GLU A 165 22.53 -20.30 -9.83
C GLU A 165 22.64 -20.52 -11.34
N ALA A 166 23.76 -21.12 -11.80
CA ALA A 166 24.03 -21.41 -13.20
C ALA A 166 23.02 -22.38 -13.81
N GLU A 167 22.63 -23.43 -13.05
CA GLU A 167 21.67 -24.45 -13.48
C GLU A 167 20.23 -23.90 -13.50
N LEU A 168 19.83 -23.17 -12.42
CA LEU A 168 18.49 -22.61 -12.28
C LEU A 168 18.21 -21.42 -13.22
N GLU A 169 19.26 -20.65 -13.60
CA GLU A 169 19.13 -19.49 -14.50
C GLU A 169 19.31 -19.84 -15.98
N GLN A 170 19.86 -21.04 -16.28
CA GLN A 170 20.14 -21.55 -17.63
C GLN A 170 18.93 -21.43 -18.55
N ASN A 171 17.77 -21.95 -18.11
CA ASN A 171 16.50 -21.89 -18.82
C ASN A 171 15.39 -21.78 -17.77
N LEU A 172 14.88 -20.54 -17.57
CA LEU A 172 13.83 -20.22 -16.58
C LEU A 172 12.54 -20.98 -16.81
N SER A 173 12.13 -21.13 -18.10
CA SER A 173 10.93 -21.87 -18.49
C SER A 173 11.04 -23.34 -18.10
N ARG A 174 12.26 -23.93 -18.24
CA ARG A 174 12.54 -25.31 -17.88
C ARG A 174 12.56 -25.45 -16.35
N THR A 175 13.18 -24.48 -15.64
CA THR A 175 13.30 -24.42 -14.18
C THR A 175 11.95 -24.53 -13.48
N PHE A 176 11.02 -23.60 -13.80
CA PHE A 176 9.70 -23.57 -13.18
C PHE A 176 8.76 -24.70 -13.60
N LYS A 177 8.90 -25.20 -14.84
CA LYS A 177 8.09 -26.32 -15.33
C LYS A 177 8.50 -27.64 -14.67
N SER A 178 9.78 -27.76 -14.27
CA SER A 178 10.32 -28.96 -13.61
C SER A 178 10.03 -28.94 -12.11
N LEU A 179 10.02 -27.75 -11.49
CA LEU A 179 9.78 -27.60 -10.05
C LEU A 179 8.30 -27.60 -9.69
N PHE A 180 7.50 -26.67 -10.28
CA PHE A 180 6.07 -26.54 -10.01
C PHE A 180 5.26 -27.67 -10.64
N ARG A 181 5.29 -28.84 -9.98
CA ARG A 181 4.61 -30.06 -10.42
C ARG A 181 3.95 -30.73 -9.22
N ALA A 182 2.91 -31.56 -9.49
CA ALA A 182 2.27 -32.37 -8.46
C ALA A 182 3.23 -33.52 -8.13
N SER A 183 3.12 -34.12 -6.93
CA SER A 183 4.00 -35.20 -6.49
C SER A 183 4.06 -36.41 -7.40
N ASP A 184 2.92 -36.79 -8.00
CA ASP A 184 2.82 -37.92 -8.94
C ASP A 184 3.41 -37.57 -10.32
N GLU A 185 3.56 -36.25 -10.60
CA GLU A 185 4.12 -35.72 -11.85
C GLU A 185 5.60 -35.36 -11.68
N SER A 186 6.09 -35.33 -10.42
CA SER A 186 7.46 -34.99 -10.06
C SER A 186 8.45 -36.07 -10.51
N VAL A 187 9.57 -35.62 -11.09
CA VAL A 187 10.66 -36.48 -11.54
C VAL A 187 12.00 -36.10 -10.88
N LEU A 188 11.95 -35.18 -9.88
CA LEU A 188 13.10 -34.72 -9.10
C LEU A 188 13.69 -35.80 -8.20
N SER A 189 15.01 -36.01 -8.29
CA SER A 189 15.76 -36.97 -7.48
C SER A 189 16.68 -36.20 -6.53
N MET A 190 16.06 -35.40 -5.64
CA MET A 190 16.74 -34.55 -4.65
C MET A 190 17.59 -35.28 -3.61
N HIS A 191 17.36 -36.60 -3.43
CA HIS A 191 18.10 -37.45 -2.49
C HIS A 191 19.53 -37.78 -2.94
N LYS A 192 19.81 -37.67 -4.26
CA LYS A 192 21.14 -37.93 -4.84
C LYS A 192 21.45 -36.91 -5.96
N VAL A 193 21.86 -35.70 -5.56
CA VAL A 193 22.19 -34.59 -6.48
C VAL A 193 23.69 -34.62 -6.84
N CYS A 194 24.00 -34.70 -8.15
CA CYS A 194 25.33 -34.78 -8.78
C CYS A 194 26.04 -36.13 -8.55
N GLU A 195 26.64 -36.81 -9.57
CA GLU A 195 26.86 -36.56 -11.02
C GLU A 195 26.26 -35.38 -11.79
N ALA A 196 27.17 -34.60 -12.43
CA ALA A 196 27.01 -33.42 -13.29
C ALA A 196 25.63 -32.76 -13.53
N GLY A 197 24.61 -33.57 -13.85
CA GLY A 197 23.25 -33.15 -14.14
C GLY A 197 22.63 -32.12 -13.22
N GLY A 198 22.89 -32.25 -11.92
CA GLY A 198 22.39 -31.35 -10.89
C GLY A 198 21.01 -31.70 -10.37
N LEU A 199 20.12 -30.70 -10.29
CA LEU A 199 18.76 -30.86 -9.80
C LEU A 199 17.80 -31.40 -10.85
N PHE A 200 17.98 -31.00 -12.13
CA PHE A 200 17.12 -31.46 -13.22
C PHE A 200 17.88 -32.39 -14.18
N VAL A 201 17.97 -33.68 -13.83
CA VAL A 201 18.65 -34.72 -14.62
C VAL A 201 17.61 -35.56 -15.35
N ASN A 202 16.59 -36.04 -14.61
CA ASN A 202 15.48 -36.85 -15.13
C ASN A 202 14.51 -36.00 -15.96
N SER A 203 14.49 -34.67 -15.74
CA SER A 203 13.64 -33.72 -16.46
C SER A 203 14.17 -33.45 -17.87
N PRO A 204 13.31 -33.42 -18.90
CA PRO A 204 13.80 -33.15 -20.27
C PRO A 204 14.06 -31.67 -20.52
N GLU A 205 14.65 -31.33 -21.70
CA GLU A 205 14.96 -29.96 -22.11
C GLU A 205 13.70 -29.10 -22.22
N GLU A 206 12.61 -29.69 -22.74
CA GLU A 206 11.30 -29.06 -22.86
C GLU A 206 10.30 -29.88 -22.02
N PRO A 207 10.20 -29.61 -20.69
CA PRO A 207 9.29 -30.39 -19.84
C PRO A 207 7.82 -30.08 -20.09
N SER A 208 6.96 -31.09 -19.84
CA SER A 208 5.51 -30.97 -20.01
C SER A 208 4.92 -30.07 -18.92
N LEU A 209 3.81 -29.40 -19.23
CA LEU A 209 3.12 -28.50 -18.30
C LEU A 209 2.31 -29.33 -17.29
N SER A 210 2.51 -29.05 -15.99
CA SER A 210 1.82 -29.72 -14.89
C SER A 210 0.34 -29.37 -14.86
N ARG A 211 -0.50 -30.24 -14.26
CA ARG A 211 -1.94 -30.05 -14.14
C ARG A 211 -2.35 -28.86 -13.25
N MET A 212 -1.45 -28.41 -12.35
CA MET A 212 -1.71 -27.29 -11.43
C MET A 212 -1.56 -25.93 -12.11
N VAL A 213 -0.58 -25.80 -13.03
CA VAL A 213 -0.24 -24.54 -13.69
C VAL A 213 -0.55 -24.46 -15.19
N THR A 214 -0.68 -23.22 -15.71
CA THR A 214 -0.89 -22.91 -17.13
C THR A 214 0.40 -22.29 -17.68
N GLU A 215 0.46 -22.05 -19.01
CA GLU A 215 1.62 -21.44 -19.67
C GLU A 215 1.83 -19.99 -19.19
N GLU A 216 0.72 -19.24 -19.01
CA GLU A 216 0.71 -17.85 -18.56
C GLU A 216 1.25 -17.72 -17.12
N GLU A 217 0.88 -18.66 -16.23
CA GLU A 217 1.32 -18.69 -14.83
C GLU A 217 2.81 -18.95 -14.70
N ILE A 218 3.37 -19.88 -15.52
CA ILE A 218 4.79 -20.22 -15.55
C ILE A 218 5.60 -19.02 -16.07
N GLN A 219 5.10 -18.35 -17.13
CA GLN A 219 5.73 -17.19 -17.74
C GLN A 219 5.81 -15.96 -16.81
N PHE A 220 4.92 -15.89 -15.78
CA PHE A 220 4.94 -14.81 -14.80
C PHE A 220 6.19 -14.91 -13.92
N TYR A 221 6.51 -16.13 -13.43
CA TYR A 221 7.69 -16.39 -12.60
C TYR A 221 8.98 -16.16 -13.40
N VAL A 222 8.97 -16.50 -14.70
CA VAL A 222 10.11 -16.33 -15.63
C VAL A 222 10.49 -14.84 -15.71
N GLN A 223 9.50 -13.95 -15.94
CA GLN A 223 9.69 -12.50 -16.02
C GLN A 223 10.19 -11.91 -14.71
N GLN A 224 9.66 -12.42 -13.57
CA GLN A 224 10.03 -11.98 -12.22
C GLN A 224 11.48 -12.30 -11.88
N PHE A 225 11.93 -13.53 -12.20
CA PHE A 225 13.30 -13.99 -11.92
C PHE A 225 14.37 -13.46 -12.88
N LYS A 226 13.95 -12.72 -13.93
CA LYS A 226 14.86 -12.09 -14.90
C LYS A 226 15.51 -10.84 -14.29
N LYS A 227 14.83 -10.22 -13.30
CA LYS A 227 15.25 -8.99 -12.61
C LYS A 227 16.47 -9.17 -11.71
N SER A 228 16.54 -10.26 -10.94
CA SER A 228 17.63 -10.49 -9.98
C SER A 228 18.32 -11.85 -10.06
N GLY A 229 17.62 -12.86 -10.57
CA GLY A 229 18.17 -14.21 -10.70
C GLY A 229 17.88 -15.09 -9.51
N PHE A 230 18.80 -16.03 -9.22
CA PHE A 230 18.68 -17.00 -8.14
C PHE A 230 19.63 -16.82 -6.96
N ARG A 231 20.58 -15.83 -7.03
CA ARG A 231 21.53 -15.58 -5.94
C ARG A 231 20.83 -15.29 -4.61
N GLY A 232 20.00 -14.23 -4.59
CA GLY A 232 19.20 -13.84 -3.43
C GLY A 232 18.37 -14.98 -2.88
N PRO A 233 17.49 -15.60 -3.71
CA PRO A 233 16.70 -16.76 -3.24
C PRO A 233 17.52 -17.91 -2.64
N LEU A 234 18.65 -18.28 -3.27
CA LEU A 234 19.52 -19.37 -2.80
C LEU A 234 20.29 -19.04 -1.52
N ASN A 235 20.52 -17.74 -1.24
CA ASN A 235 21.21 -17.28 -0.04
C ASN A 235 20.45 -17.57 1.26
N TRP A 236 19.14 -17.90 1.15
CA TRP A 236 18.26 -18.29 2.26
C TRP A 236 18.75 -19.60 2.89
N TYR A 237 19.35 -20.49 2.06
CA TYR A 237 19.91 -21.79 2.44
C TYR A 237 21.32 -21.67 3.04
N ARG A 238 22.05 -20.60 2.65
CA ARG A 238 23.45 -20.35 3.02
C ARG A 238 23.70 -19.70 4.40
N ASN A 239 22.72 -19.79 5.31
CA ASN A 239 22.82 -19.22 6.66
C ASN A 239 22.42 -20.22 7.75
N MET A 240 22.63 -21.53 7.50
CA MET A 240 22.28 -22.62 8.41
C MET A 240 22.92 -22.52 9.79
N GLU A 241 24.21 -22.14 9.87
CA GLU A 241 24.93 -21.98 11.13
C GLU A 241 24.48 -20.74 11.91
N ARG A 242 24.28 -19.60 11.19
CA ARG A 242 23.83 -18.34 11.76
C ARG A 242 22.42 -18.47 12.37
N ASN A 243 21.49 -19.10 11.63
CA ASN A 243 20.10 -19.34 12.07
C ASN A 243 20.02 -20.27 13.27
N TRP A 244 20.89 -21.31 13.31
CA TRP A 244 20.98 -22.28 14.39
C TRP A 244 21.44 -21.59 15.69
N LYS A 245 22.45 -20.70 15.58
CA LYS A 245 22.99 -19.93 16.71
C LYS A 245 21.96 -18.95 17.26
N TRP A 246 21.18 -18.30 16.38
CA TRP A 246 20.12 -17.35 16.77
C TRP A 246 18.97 -18.07 17.46
N ALA A 247 18.56 -19.24 16.95
CA ALA A 247 17.49 -20.06 17.51
C ALA A 247 17.87 -20.63 18.88
N CYS A 248 19.18 -20.84 19.12
CA CYS A 248 19.72 -21.33 20.39
C CYS A 248 19.65 -20.27 21.49
N LYS A 249 19.60 -18.98 21.12
CA LYS A 249 19.50 -17.84 22.05
C LYS A 249 18.17 -17.79 22.80
N SER A 250 17.09 -18.32 22.19
CA SER A 250 15.76 -18.37 22.81
C SER A 250 15.75 -19.45 23.90
N LEU A 251 15.97 -20.73 23.49
CA LEU A 251 16.07 -21.96 24.29
C LEU A 251 15.11 -22.12 25.48
N GLY A 252 14.13 -23.00 25.32
CA GLY A 252 13.16 -23.31 26.35
C GLY A 252 11.86 -22.52 26.29
N ARG A 253 11.92 -21.27 25.78
CA ARG A 253 10.74 -20.40 25.67
C ARG A 253 9.70 -20.94 24.69
N LYS A 254 8.42 -20.69 24.99
CA LYS A 254 7.28 -21.17 24.20
C LYS A 254 6.57 -20.06 23.45
N ILE A 255 6.03 -20.39 22.25
CA ILE A 255 5.24 -19.47 21.44
C ILE A 255 3.83 -19.53 22.04
N LEU A 256 3.39 -18.45 22.70
CA LEU A 256 2.10 -18.39 23.40
C LEU A 256 0.93 -17.82 22.59
N ILE A 257 1.22 -17.21 21.43
CA ILE A 257 0.22 -16.62 20.52
C ILE A 257 -0.53 -17.74 19.74
N PRO A 258 -1.76 -17.50 19.19
CA PRO A 258 -2.45 -18.57 18.44
C PRO A 258 -1.67 -19.02 17.21
N ALA A 259 -1.59 -20.35 17.00
CA ALA A 259 -0.82 -20.93 15.89
C ALA A 259 -1.56 -22.00 15.10
N LEU A 260 -1.24 -22.10 13.80
CA LEU A 260 -1.79 -23.08 12.86
C LEU A 260 -0.64 -23.79 12.14
N MET A 261 -0.68 -25.12 12.14
CA MET A 261 0.28 -25.95 11.41
C MET A 261 -0.49 -26.72 10.34
N VAL A 262 -0.21 -26.42 9.06
CA VAL A 262 -0.86 -27.07 7.93
C VAL A 262 0.14 -28.00 7.25
N THR A 263 -0.13 -29.31 7.31
CA THR A 263 0.73 -30.33 6.72
C THR A 263 0.19 -30.80 5.37
N ALA A 264 1.11 -31.11 4.45
CA ALA A 264 0.81 -31.61 3.11
C ALA A 264 1.24 -33.08 3.02
N GLU A 265 0.27 -33.97 2.73
CA GLU A 265 0.41 -35.42 2.64
C GLU A 265 1.54 -35.88 1.70
N LYS A 266 1.64 -35.27 0.52
CA LYS A 266 2.62 -35.64 -0.50
C LYS A 266 3.89 -34.79 -0.59
N ASP A 267 4.17 -33.97 0.44
CA ASP A 267 5.42 -33.19 0.47
C ASP A 267 6.48 -34.11 1.07
N PHE A 268 7.42 -34.58 0.23
CA PHE A 268 8.46 -35.52 0.63
C PHE A 268 9.69 -34.91 1.27
N VAL A 269 9.83 -33.57 1.22
CA VAL A 269 10.93 -32.84 1.85
C VAL A 269 10.53 -32.32 3.23
N LEU A 270 9.36 -31.65 3.31
CA LEU A 270 8.80 -31.15 4.56
C LEU A 270 7.64 -32.07 4.93
N VAL A 271 7.99 -33.32 5.28
CA VAL A 271 7.06 -34.41 5.62
C VAL A 271 6.16 -34.08 6.83
N PRO A 272 4.88 -34.58 6.87
CA PRO A 272 4.01 -34.27 8.02
C PRO A 272 4.52 -34.79 9.37
N GLN A 273 5.34 -35.86 9.36
CA GLN A 273 5.91 -36.47 10.57
C GLN A 273 6.91 -35.54 11.28
N MET A 274 7.52 -34.58 10.54
CA MET A 274 8.46 -33.59 11.08
C MET A 274 7.79 -32.64 12.07
N SER A 275 6.46 -32.44 11.93
CA SER A 275 5.66 -31.55 12.76
C SER A 275 5.21 -32.15 14.10
N GLN A 276 5.57 -33.43 14.39
CA GLN A 276 5.19 -34.11 15.64
C GLN A 276 5.78 -33.43 16.89
N HIS A 277 5.03 -33.47 18.00
CA HIS A 277 5.38 -32.89 19.31
C HIS A 277 5.56 -31.35 19.32
N MET A 278 5.01 -30.65 18.30
CA MET A 278 5.07 -29.19 18.19
C MET A 278 4.20 -28.50 19.24
N GLU A 279 3.16 -29.20 19.74
CA GLU A 279 2.24 -28.71 20.78
C GLU A 279 2.92 -28.54 22.14
N ASP A 280 4.06 -29.24 22.38
CA ASP A 280 4.85 -29.15 23.60
C ASP A 280 5.53 -27.78 23.69
N TRP A 281 5.98 -27.25 22.53
CA TRP A 281 6.66 -25.96 22.40
C TRP A 281 5.66 -24.83 22.06
N ILE A 282 4.50 -25.18 21.46
CA ILE A 282 3.44 -24.24 21.09
C ILE A 282 2.11 -24.72 21.74
N PRO A 283 1.76 -24.23 22.96
CA PRO A 283 0.54 -24.72 23.63
C PRO A 283 -0.80 -24.48 22.92
N HIS A 284 -0.94 -23.34 22.21
CA HIS A 284 -2.18 -22.99 21.50
C HIS A 284 -2.11 -23.31 20.00
N LEU A 285 -1.48 -24.45 19.65
CA LEU A 285 -1.32 -24.91 18.27
C LEU A 285 -2.57 -25.63 17.75
N LYS A 286 -3.04 -25.21 16.57
CA LYS A 286 -4.17 -25.78 15.85
C LYS A 286 -3.61 -26.54 14.64
N ARG A 287 -4.31 -27.61 14.20
CA ARG A 287 -3.81 -28.43 13.10
C ARG A 287 -4.69 -28.51 11.86
N GLY A 288 -4.03 -28.45 10.71
CA GLY A 288 -4.63 -28.56 9.40
C GLY A 288 -3.90 -29.63 8.60
N HIS A 289 -4.63 -30.42 7.82
CA HIS A 289 -4.04 -31.49 7.02
C HIS A 289 -4.70 -31.59 5.65
N ILE A 290 -3.88 -31.53 4.58
CA ILE A 290 -4.38 -31.63 3.21
C ILE A 290 -3.88 -32.90 2.54
N GLU A 291 -4.82 -33.78 2.15
CA GLU A 291 -4.53 -35.03 1.46
C GLU A 291 -4.36 -34.74 -0.03
N ASP A 292 -3.55 -35.56 -0.74
CA ASP A 292 -3.25 -35.43 -2.18
C ASP A 292 -2.60 -34.06 -2.50
N CYS A 293 -1.79 -33.56 -1.56
CA CYS A 293 -1.14 -32.27 -1.66
C CYS A 293 0.37 -32.37 -1.57
N GLY A 294 1.06 -31.93 -2.63
CA GLY A 294 2.51 -31.93 -2.71
C GLY A 294 3.15 -30.76 -1.99
N HIS A 295 4.35 -30.36 -2.45
CA HIS A 295 5.08 -29.25 -1.86
C HIS A 295 4.47 -27.88 -2.15
N TRP A 296 3.98 -27.66 -3.37
CA TRP A 296 3.39 -26.40 -3.83
C TRP A 296 1.92 -26.29 -3.42
N THR A 297 1.70 -26.31 -2.09
CA THR A 297 0.42 -26.30 -1.37
C THR A 297 -0.64 -25.36 -1.94
N GLN A 298 -0.30 -24.07 -2.11
CA GLN A 298 -1.20 -23.04 -2.63
C GLN A 298 -1.65 -23.31 -4.06
N MET A 299 -0.77 -23.87 -4.90
CA MET A 299 -1.03 -24.20 -6.31
C MET A 299 -1.78 -25.52 -6.44
N ASP A 300 -1.34 -26.54 -5.66
CA ASP A 300 -1.88 -27.89 -5.65
C ASP A 300 -3.34 -27.94 -5.18
N LYS A 301 -3.61 -27.49 -3.94
CA LYS A 301 -4.95 -27.50 -3.37
C LYS A 301 -5.38 -26.09 -2.91
N PRO A 302 -5.66 -25.14 -3.84
CA PRO A 302 -6.03 -23.78 -3.41
C PRO A 302 -7.31 -23.68 -2.57
N THR A 303 -8.37 -24.44 -2.94
CA THR A 303 -9.66 -24.46 -2.24
C THR A 303 -9.52 -24.93 -0.78
N GLU A 304 -8.73 -26.00 -0.56
CA GLU A 304 -8.47 -26.58 0.76
C GLU A 304 -7.68 -25.60 1.64
N VAL A 305 -6.69 -24.89 1.04
CA VAL A 305 -5.86 -23.88 1.72
C VAL A 305 -6.75 -22.73 2.19
N ASN A 306 -7.57 -22.16 1.28
CA ASN A 306 -8.50 -21.06 1.56
C ASN A 306 -9.46 -21.38 2.70
N GLN A 307 -10.09 -22.57 2.66
CA GLN A 307 -11.02 -23.06 3.67
C GLN A 307 -10.38 -23.19 5.05
N ILE A 308 -9.19 -23.83 5.13
CA ILE A 308 -8.44 -24.03 6.38
C ILE A 308 -7.99 -22.69 6.98
N LEU A 309 -7.42 -21.78 6.14
CA LEU A 309 -6.95 -20.48 6.58
C LEU A 309 -8.07 -19.57 7.11
N ILE A 310 -9.18 -19.43 6.34
CA ILE A 310 -10.35 -18.61 6.72
C ILE A 310 -11.01 -19.08 8.03
N LYS A 311 -11.26 -20.40 8.16
CA LYS A 311 -11.86 -21.01 9.36
C LYS A 311 -11.03 -20.71 10.62
N TRP A 312 -9.70 -20.83 10.52
CA TRP A 312 -8.77 -20.56 11.62
C TRP A 312 -8.67 -19.06 11.92
N LEU A 313 -8.62 -18.21 10.87
CA LEU A 313 -8.55 -16.74 11.00
C LEU A 313 -9.77 -16.20 11.76
N ASP A 314 -10.98 -16.68 11.40
CA ASP A 314 -12.25 -16.26 12.00
C ASP A 314 -12.41 -16.67 13.46
N SER A 315 -11.76 -17.77 13.88
CA SER A 315 -11.87 -18.27 15.26
C SER A 315 -10.69 -17.91 16.17
N ASP A 316 -9.45 -17.99 15.66
CA ASP A 316 -8.24 -17.75 16.44
C ASP A 316 -7.55 -16.39 16.24
N ALA A 317 -7.53 -15.85 15.01
CA ALA A 317 -6.87 -14.58 14.73
C ALA A 317 -7.76 -13.37 15.06
N ARG A 318 -9.09 -13.52 14.94
CA ARG A 318 -10.06 -12.47 15.25
C ARG A 318 -10.56 -12.58 16.68
N PRO B 5 8.85 11.02 3.35
CA PRO B 5 8.62 10.05 2.29
C PRO B 5 9.36 8.73 2.55
N SER B 6 10.68 8.79 2.85
CA SER B 6 11.52 7.61 3.11
C SER B 6 11.11 6.80 4.35
N ASP B 7 10.39 7.44 5.30
CA ASP B 7 9.87 6.81 6.52
C ASP B 7 8.45 6.26 6.28
N MET B 8 7.85 6.57 5.11
CA MET B 8 6.49 6.19 4.74
C MET B 8 6.40 4.99 3.80
N SER B 9 5.27 4.27 3.86
CA SER B 9 4.94 3.16 2.98
C SER B 9 4.31 3.77 1.73
N HIS B 10 4.86 3.45 0.54
CA HIS B 10 4.38 4.01 -0.72
C HIS B 10 3.58 3.02 -1.56
N GLY B 11 2.34 3.38 -1.86
CA GLY B 11 1.41 2.57 -2.64
C GLY B 11 1.16 3.15 -4.02
N TYR B 12 0.97 2.26 -5.02
CA TYR B 12 0.74 2.63 -6.42
C TYR B 12 -0.38 1.80 -7.04
N VAL B 13 -1.42 2.47 -7.59
CA VAL B 13 -2.58 1.83 -8.23
C VAL B 13 -2.74 2.40 -9.65
N THR B 14 -2.68 1.52 -10.66
CA THR B 14 -2.88 1.89 -12.06
C THR B 14 -4.39 1.84 -12.30
N VAL B 15 -5.03 3.02 -12.42
CA VAL B 15 -6.47 3.16 -12.61
C VAL B 15 -6.93 3.17 -14.07
N LYS B 16 -6.05 3.65 -14.97
CA LYS B 16 -6.27 3.74 -16.42
C LYS B 16 -4.94 3.36 -17.12
N PRO B 17 -4.93 2.97 -18.43
CA PRO B 17 -3.65 2.60 -19.08
C PRO B 17 -2.53 3.65 -18.97
N ARG B 18 -2.88 4.95 -18.95
CA ARG B 18 -1.93 6.06 -18.83
C ARG B 18 -1.91 6.70 -17.43
N VAL B 19 -2.91 6.37 -16.57
CA VAL B 19 -3.03 6.95 -15.23
C VAL B 19 -2.72 5.98 -14.08
N ARG B 20 -1.71 6.36 -13.26
CA ARG B 20 -1.27 5.64 -12.07
C ARG B 20 -1.35 6.60 -10.88
N LEU B 21 -2.03 6.20 -9.79
CA LEU B 21 -2.18 7.02 -8.59
C LEU B 21 -1.30 6.56 -7.44
N HIS B 22 -0.54 7.50 -6.87
CA HIS B 22 0.35 7.28 -5.73
C HIS B 22 -0.30 7.73 -4.43
N PHE B 23 -0.01 7.01 -3.34
CA PHE B 23 -0.50 7.30 -1.99
C PHE B 23 0.46 6.82 -0.91
N VAL B 24 0.42 7.45 0.27
CA VAL B 24 1.18 7.02 1.43
C VAL B 24 0.21 6.31 2.37
N GLU B 25 0.65 5.22 2.99
CA GLU B 25 -0.23 4.41 3.84
C GLU B 25 0.31 4.21 5.24
N LEU B 26 -0.52 4.51 6.25
CA LEU B 26 -0.16 4.37 7.66
C LEU B 26 -1.37 4.00 8.51
N GLY B 27 -1.18 3.02 9.40
CA GLY B 27 -2.19 2.58 10.34
C GLY B 27 -3.03 1.40 9.91
N SER B 28 -3.93 0.97 10.81
CA SER B 28 -4.87 -0.13 10.66
C SER B 28 -6.24 0.33 11.14
N GLY B 29 -7.29 -0.30 10.60
CA GLY B 29 -8.67 0.01 10.92
C GLY B 29 -9.46 0.48 9.71
N PRO B 30 -10.55 1.25 9.90
CA PRO B 30 -11.34 1.71 8.74
C PRO B 30 -10.51 2.60 7.80
N ALA B 31 -10.67 2.39 6.47
CA ALA B 31 -9.94 3.11 5.44
C ALA B 31 -10.36 4.58 5.36
N VAL B 32 -9.38 5.49 5.50
CA VAL B 32 -9.59 6.94 5.46
C VAL B 32 -8.74 7.51 4.33
N CYS B 33 -9.41 7.96 3.26
CA CYS B 33 -8.78 8.52 2.07
C CYS B 33 -8.67 10.04 2.15
N LEU B 34 -7.44 10.55 2.28
CA LEU B 34 -7.19 12.00 2.38
C LEU B 34 -6.89 12.59 1.00
N CYS B 35 -7.66 13.62 0.61
CA CYS B 35 -7.54 14.26 -0.70
C CYS B 35 -7.15 15.74 -0.60
N HIS B 36 -5.90 16.06 -0.97
CA HIS B 36 -5.35 17.42 -0.92
C HIS B 36 -5.94 18.37 -1.97
N GLY B 37 -5.62 19.66 -1.83
CA GLY B 37 -6.06 20.70 -2.74
C GLY B 37 -4.98 21.23 -3.66
N PHE B 38 -5.18 22.45 -4.18
CA PHE B 38 -4.26 23.10 -5.10
C PHE B 38 -3.43 24.21 -4.41
N PRO B 39 -2.10 24.31 -4.65
CA PRO B 39 -1.21 23.42 -5.41
C PRO B 39 -0.45 22.56 -4.39
N GLU B 40 -1.15 21.56 -3.83
CA GLU B 40 -0.61 20.77 -2.72
C GLU B 40 0.02 19.40 -3.00
N SER B 41 0.05 18.53 -1.97
CA SER B 41 0.68 17.21 -1.98
C SER B 41 0.09 16.35 -0.86
N TRP B 42 0.45 15.05 -0.80
CA TRP B 42 0.04 14.14 0.28
C TRP B 42 0.62 14.68 1.60
N TYR B 43 1.77 15.38 1.48
CA TYR B 43 2.55 15.99 2.54
C TYR B 43 1.76 17.08 3.29
N SER B 44 0.70 17.63 2.68
CA SER B 44 -0.18 18.62 3.32
C SER B 44 -0.97 18.00 4.48
N TRP B 45 -1.02 16.66 4.53
CA TRP B 45 -1.70 15.90 5.58
C TRP B 45 -0.70 15.37 6.63
N ARG B 46 0.57 15.85 6.58
CA ARG B 46 1.67 15.43 7.48
C ARG B 46 1.34 15.35 8.97
N TYR B 47 0.48 16.25 9.48
CA TYR B 47 0.09 16.27 10.89
C TYR B 47 -1.11 15.35 11.16
N GLN B 48 -1.94 15.12 10.13
CA GLN B 48 -3.14 14.28 10.22
C GLN B 48 -2.82 12.79 10.12
N ILE B 49 -1.88 12.41 9.21
CA ILE B 49 -1.47 11.02 8.96
C ILE B 49 -1.13 10.24 10.25
N PRO B 50 -0.12 10.63 11.09
CA PRO B 50 0.15 9.85 12.31
C PRO B 50 -0.95 9.94 13.36
N ALA B 51 -1.65 11.09 13.45
CA ALA B 51 -2.73 11.33 14.40
C ALA B 51 -3.95 10.44 14.17
N LEU B 52 -4.43 10.33 12.91
CA LEU B 52 -5.57 9.48 12.57
C LEU B 52 -5.21 8.00 12.69
N ALA B 53 -3.95 7.64 12.36
CA ALA B 53 -3.44 6.26 12.46
C ALA B 53 -3.37 5.82 13.93
N GLN B 54 -2.92 6.72 14.83
CA GLN B 54 -2.83 6.48 16.28
C GLN B 54 -4.23 6.35 16.88
N ALA B 55 -5.22 7.01 16.27
CA ALA B 55 -6.64 6.99 16.67
C ALA B 55 -7.37 5.70 16.23
N GLY B 56 -6.67 4.83 15.48
CA GLY B 56 -7.19 3.56 15.02
C GLY B 56 -7.78 3.55 13.61
N TYR B 57 -7.13 4.27 12.67
CA TYR B 57 -7.59 4.35 11.28
C TYR B 57 -6.50 4.04 10.26
N ARG B 58 -6.90 3.43 9.14
CA ARG B 58 -5.99 3.10 8.04
C ARG B 58 -5.98 4.30 7.10
N VAL B 59 -4.93 5.13 7.20
CA VAL B 59 -4.77 6.37 6.45
C VAL B 59 -4.20 6.12 5.05
N LEU B 60 -4.87 6.66 4.03
CA LEU B 60 -4.47 6.61 2.62
C LEU B 60 -4.40 8.07 2.15
N ALA B 61 -3.21 8.70 2.28
CA ALA B 61 -3.02 10.09 1.86
C ALA B 61 -2.56 10.15 0.41
N MET B 62 -3.48 10.58 -0.45
CA MET B 62 -3.32 10.64 -1.89
C MET B 62 -2.40 11.72 -2.40
N ASP B 63 -1.77 11.43 -3.53
CA ASP B 63 -1.05 12.36 -4.36
C ASP B 63 -2.09 12.42 -5.48
N MET B 64 -2.91 13.49 -5.50
CA MET B 64 -3.99 13.62 -6.48
C MET B 64 -3.48 13.63 -7.92
N LYS B 65 -4.35 13.31 -8.89
CA LYS B 65 -3.99 13.28 -10.32
C LYS B 65 -3.35 14.61 -10.73
N GLY B 66 -2.17 14.52 -11.31
CA GLY B 66 -1.37 15.67 -11.75
C GLY B 66 -0.35 16.14 -10.75
N TYR B 67 -0.26 15.47 -9.59
CA TYR B 67 0.65 15.84 -8.49
C TYR B 67 1.64 14.75 -8.13
N GLY B 68 2.82 15.17 -7.65
CA GLY B 68 3.92 14.33 -7.18
C GLY B 68 4.23 13.10 -7.99
N GLU B 69 4.14 11.92 -7.34
CA GLU B 69 4.43 10.61 -7.93
C GLU B 69 3.27 10.02 -8.74
N SER B 70 2.10 10.68 -8.75
CA SER B 70 0.95 10.26 -9.53
C SER B 70 1.09 10.76 -10.97
N SER B 71 0.43 10.09 -11.93
CA SER B 71 0.46 10.44 -13.35
C SER B 71 -0.08 11.83 -13.63
N ALA B 72 0.52 12.53 -14.60
CA ALA B 72 0.13 13.88 -14.97
C ALA B 72 -0.05 14.07 -16.50
N PRO B 73 -1.18 13.58 -17.09
CA PRO B 73 -1.38 13.78 -18.54
C PRO B 73 -1.60 15.25 -18.89
N PRO B 74 -1.14 15.74 -20.08
CA PRO B 74 -1.31 17.17 -20.40
C PRO B 74 -2.74 17.61 -20.70
N GLU B 75 -3.62 16.66 -21.08
CA GLU B 75 -5.02 16.88 -21.45
C GLU B 75 -5.85 17.51 -20.33
N ILE B 76 -6.63 18.55 -20.67
CA ILE B 76 -7.52 19.30 -19.78
C ILE B 76 -8.71 18.42 -19.33
N GLU B 77 -9.28 17.65 -20.27
CA GLU B 77 -10.43 16.74 -20.08
C GLU B 77 -10.19 15.69 -19.00
N GLU B 78 -8.91 15.31 -18.79
CA GLU B 78 -8.46 14.32 -17.81
C GLU B 78 -8.64 14.79 -16.36
N TYR B 79 -8.88 16.11 -16.15
CA TYR B 79 -9.02 16.69 -14.82
C TYR B 79 -10.42 17.17 -14.44
N CYS B 80 -11.45 16.70 -15.17
CA CYS B 80 -12.84 17.03 -14.84
C CYS B 80 -13.30 16.12 -13.71
N MET B 81 -14.23 16.60 -12.86
CA MET B 81 -14.77 15.86 -11.71
C MET B 81 -15.27 14.45 -12.05
N GLU B 82 -15.83 14.26 -13.26
CA GLU B 82 -16.36 12.97 -13.74
C GLU B 82 -15.25 11.92 -13.85
N VAL B 83 -14.15 12.26 -14.57
CA VAL B 83 -12.98 11.39 -14.78
C VAL B 83 -12.27 11.10 -13.45
N LEU B 84 -12.04 12.15 -12.63
CA LEU B 84 -11.39 12.06 -11.33
C LEU B 84 -12.12 11.14 -10.35
N CYS B 85 -13.47 11.24 -10.29
CA CYS B 85 -14.32 10.42 -9.41
C CYS B 85 -14.34 8.95 -9.83
N LYS B 86 -14.42 8.66 -11.15
CA LYS B 86 -14.42 7.29 -11.69
C LYS B 86 -13.10 6.59 -11.41
N GLU B 87 -11.98 7.34 -11.45
CA GLU B 87 -10.63 6.86 -11.17
C GLU B 87 -10.49 6.49 -9.69
N MET B 88 -11.13 7.26 -8.79
CA MET B 88 -11.12 7.00 -7.34
C MET B 88 -11.93 5.75 -7.00
N VAL B 89 -12.96 5.44 -7.81
CA VAL B 89 -13.80 4.24 -7.66
C VAL B 89 -12.93 3.02 -8.03
N THR B 90 -12.20 3.13 -9.17
CA THR B 90 -11.27 2.11 -9.69
C THR B 90 -10.13 1.89 -8.69
N PHE B 91 -9.70 2.97 -8.01
CA PHE B 91 -8.65 2.96 -6.98
C PHE B 91 -9.10 2.08 -5.80
N LEU B 92 -10.36 2.22 -5.37
CA LEU B 92 -10.95 1.43 -4.29
C LEU B 92 -11.13 -0.02 -4.71
N ASP B 93 -11.55 -0.26 -5.99
CA ASP B 93 -11.76 -1.59 -6.56
C ASP B 93 -10.50 -2.44 -6.59
N LYS B 94 -9.37 -1.86 -7.06
CA LYS B 94 -8.08 -2.55 -7.16
C LYS B 94 -7.41 -2.78 -5.80
N LEU B 95 -7.80 -2.00 -4.79
CA LEU B 95 -7.33 -2.12 -3.41
C LEU B 95 -8.23 -3.07 -2.61
N GLY B 96 -9.35 -3.48 -3.23
CA GLY B 96 -10.33 -4.38 -2.64
C GLY B 96 -11.11 -3.76 -1.51
N LEU B 97 -11.34 -2.44 -1.59
CA LEU B 97 -12.09 -1.68 -0.58
C LEU B 97 -13.50 -1.42 -1.10
N SER B 98 -14.51 -1.92 -0.37
CA SER B 98 -15.91 -1.74 -0.72
C SER B 98 -16.30 -0.29 -0.41
N GLN B 99 -15.77 0.25 0.70
CA GLN B 99 -16.00 1.60 1.17
C GLN B 99 -14.72 2.20 1.78
N ALA B 100 -14.72 3.53 1.92
CA ALA B 100 -13.65 4.32 2.54
C ALA B 100 -14.21 5.65 2.96
N VAL B 101 -13.67 6.22 4.05
CA VAL B 101 -14.07 7.55 4.51
C VAL B 101 -13.26 8.52 3.64
N PHE B 102 -13.92 9.50 3.04
CA PHE B 102 -13.27 10.47 2.16
C PHE B 102 -13.18 11.84 2.81
N ILE B 103 -11.95 12.26 3.13
CA ILE B 103 -11.67 13.57 3.73
C ILE B 103 -10.91 14.40 2.71
N GLY B 104 -11.49 15.52 2.31
CA GLY B 104 -10.89 16.40 1.33
C GLY B 104 -10.70 17.83 1.79
N HIS B 105 -9.77 18.53 1.14
CA HIS B 105 -9.47 19.94 1.37
C HIS B 105 -9.32 20.61 0.01
N ASP B 106 -9.88 21.82 -0.14
CA ASP B 106 -9.82 22.63 -1.37
C ASP B 106 -10.41 21.89 -2.58
N TRP B 107 -9.63 21.63 -3.65
CA TRP B 107 -10.11 20.88 -4.82
C TRP B 107 -10.40 19.42 -4.50
N GLY B 108 -9.70 18.89 -3.48
CA GLY B 108 -9.91 17.55 -2.95
C GLY B 108 -11.22 17.48 -2.20
N GLY B 109 -11.59 18.61 -1.58
CA GLY B 109 -12.84 18.80 -0.86
C GLY B 109 -14.01 18.82 -1.82
N MET B 110 -13.80 19.36 -3.04
CA MET B 110 -14.79 19.39 -4.11
C MET B 110 -15.00 17.96 -4.63
N LEU B 111 -13.89 17.19 -4.79
CA LEU B 111 -13.88 15.80 -5.23
C LEU B 111 -14.70 14.92 -4.28
N VAL B 112 -14.44 15.03 -2.95
CA VAL B 112 -15.14 14.24 -1.92
C VAL B 112 -16.66 14.46 -1.91
N TRP B 113 -17.13 15.70 -2.21
CA TRP B 113 -18.56 16.02 -2.29
C TRP B 113 -19.21 15.33 -3.49
N TYR B 114 -18.53 15.37 -4.66
CA TYR B 114 -18.98 14.72 -5.90
C TYR B 114 -18.97 13.19 -5.73
N MET B 115 -17.96 12.66 -5.00
CA MET B 115 -17.81 11.23 -4.69
C MET B 115 -18.98 10.77 -3.81
N ALA B 116 -19.40 11.63 -2.86
CA ALA B 116 -20.52 11.34 -1.94
C ALA B 116 -21.86 11.48 -2.67
N LEU B 117 -21.92 12.35 -3.70
CA LEU B 117 -23.11 12.61 -4.50
C LEU B 117 -23.41 11.44 -5.45
N PHE B 118 -22.47 11.13 -6.35
CA PHE B 118 -22.60 10.10 -7.38
C PHE B 118 -22.23 8.68 -6.98
N TYR B 119 -21.42 8.51 -5.92
CA TYR B 119 -21.02 7.17 -5.46
C TYR B 119 -21.17 7.04 -3.92
N PRO B 120 -22.37 7.26 -3.33
CA PRO B 120 -22.49 7.13 -1.85
C PRO B 120 -22.28 5.72 -1.31
N GLU B 121 -22.49 4.68 -2.15
CA GLU B 121 -22.31 3.27 -1.77
C GLU B 121 -20.84 2.91 -1.53
N ARG B 122 -19.90 3.75 -2.03
CA ARG B 122 -18.46 3.57 -1.91
C ARG B 122 -17.85 4.54 -0.87
N VAL B 123 -18.66 5.46 -0.34
CA VAL B 123 -18.22 6.44 0.66
C VAL B 123 -18.92 6.18 2.00
N ARG B 124 -18.16 5.65 2.98
CA ARG B 124 -18.63 5.34 4.34
C ARG B 124 -19.06 6.62 5.05
N ALA B 125 -18.25 7.68 4.92
CA ALA B 125 -18.48 9.01 5.50
C ALA B 125 -17.68 10.04 4.71
N VAL B 126 -18.20 11.28 4.61
CA VAL B 126 -17.55 12.35 3.87
C VAL B 126 -17.22 13.58 4.73
N ALA B 127 -16.00 14.11 4.61
CA ALA B 127 -15.56 15.29 5.35
C ALA B 127 -14.86 16.26 4.42
N SER B 128 -15.17 17.56 4.57
CA SER B 128 -14.54 18.59 3.75
C SER B 128 -14.04 19.76 4.56
N LEU B 129 -12.78 20.14 4.31
CA LEU B 129 -12.16 21.29 4.95
C LEU B 129 -12.29 22.45 3.95
N ASN B 130 -12.93 23.56 4.37
CA ASN B 130 -13.14 24.81 3.63
C ASN B 130 -14.12 24.76 2.45
N THR B 131 -14.02 23.73 1.59
CA THR B 131 -14.88 23.59 0.41
C THR B 131 -16.32 23.20 0.75
N PRO B 132 -17.30 24.08 0.42
CA PRO B 132 -18.71 23.73 0.69
C PRO B 132 -19.33 22.91 -0.45
N PHE B 133 -20.54 22.38 -0.21
CA PHE B 133 -21.29 21.65 -1.24
C PHE B 133 -22.37 22.58 -1.78
N ILE B 134 -22.21 23.01 -3.04
CA ILE B 134 -23.16 23.90 -3.70
C ILE B 134 -23.83 23.20 -4.88
N PRO B 135 -25.16 22.99 -4.85
CA PRO B 135 -25.83 22.33 -5.98
C PRO B 135 -25.86 23.25 -7.20
N ALA B 136 -25.50 22.72 -8.37
CA ALA B 136 -25.43 23.46 -9.63
C ALA B 136 -26.78 24.04 -10.04
N ASN B 137 -26.78 25.31 -10.45
CA ASN B 137 -27.98 26.00 -10.91
C ASN B 137 -28.15 25.72 -12.40
N PRO B 138 -29.26 25.08 -12.84
CA PRO B 138 -29.43 24.78 -14.27
C PRO B 138 -29.69 25.99 -15.15
N ASN B 139 -30.22 27.08 -14.55
CA ASN B 139 -30.54 28.33 -15.26
C ASN B 139 -29.54 29.47 -14.97
N MET B 140 -28.28 29.11 -14.65
CA MET B 140 -27.22 30.08 -14.35
C MET B 140 -25.87 29.58 -14.89
N SER B 141 -25.19 30.43 -15.68
CA SER B 141 -23.89 30.16 -16.31
C SER B 141 -22.76 29.98 -15.29
N PRO B 142 -21.81 29.02 -15.50
CA PRO B 142 -20.71 28.85 -14.52
C PRO B 142 -19.70 30.00 -14.57
N LEU B 143 -19.48 30.58 -15.76
CA LEU B 143 -18.57 31.71 -16.00
C LEU B 143 -19.08 32.99 -15.32
N GLU B 144 -20.42 33.18 -15.29
CA GLU B 144 -21.08 34.33 -14.68
C GLU B 144 -21.05 34.27 -13.15
N SER B 145 -21.01 33.04 -12.57
CA SER B 145 -20.97 32.80 -11.13
C SER B 145 -19.63 33.26 -10.54
N ILE B 146 -18.52 33.00 -11.27
CA ILE B 146 -17.16 33.40 -10.88
C ILE B 146 -17.00 34.92 -11.03
N LYS B 147 -17.57 35.52 -12.10
CA LYS B 147 -17.51 36.95 -12.39
C LYS B 147 -18.38 37.80 -11.43
N ALA B 148 -19.40 37.18 -10.80
CA ALA B 148 -20.32 37.84 -9.85
C ALA B 148 -19.59 38.32 -8.59
N ASN B 149 -18.73 37.47 -8.00
CA ASN B 149 -17.94 37.79 -6.82
C ASN B 149 -16.52 38.21 -7.27
N PRO B 150 -16.04 39.42 -6.90
CA PRO B 150 -14.71 39.86 -7.38
C PRO B 150 -13.51 39.05 -6.89
N VAL B 151 -13.63 38.36 -5.74
CA VAL B 151 -12.57 37.55 -5.13
C VAL B 151 -12.08 36.36 -6.00
N PHE B 152 -12.93 35.85 -6.90
CA PHE B 152 -12.60 34.72 -7.78
C PHE B 152 -12.04 35.14 -9.16
N ASP B 153 -11.32 36.27 -9.23
CA ASP B 153 -10.71 36.79 -10.46
C ASP B 153 -9.51 35.96 -10.93
N TYR B 154 -8.74 35.41 -9.98
CA TYR B 154 -7.55 34.56 -10.19
C TYR B 154 -7.89 33.26 -10.98
N GLN B 155 -9.15 32.78 -10.85
CA GLN B 155 -9.65 31.58 -11.53
C GLN B 155 -9.70 31.79 -13.04
N LEU B 156 -10.05 33.02 -13.48
CA LEU B 156 -10.11 33.42 -14.89
C LEU B 156 -8.70 33.49 -15.46
N TYR B 157 -7.73 33.92 -14.61
CA TYR B 157 -6.30 34.02 -14.95
C TYR B 157 -5.69 32.62 -15.10
N PHE B 158 -6.24 31.62 -14.38
CA PHE B 158 -5.83 30.21 -14.42
C PHE B 158 -6.39 29.42 -15.61
N GLN B 159 -7.31 30.03 -16.39
CA GLN B 159 -7.97 29.39 -17.54
C GLN B 159 -7.08 29.10 -18.76
N GLU B 160 -6.34 30.11 -19.26
CA GLU B 160 -5.46 29.95 -20.42
C GLU B 160 -4.24 29.07 -20.13
N PRO B 161 -4.08 27.92 -20.82
CA PRO B 161 -2.91 27.04 -20.54
C PRO B 161 -1.57 27.67 -20.93
N GLY B 162 -0.60 27.57 -20.03
CA GLY B 162 0.74 28.10 -20.21
C GLY B 162 1.00 29.43 -19.52
N VAL B 163 -0.05 30.25 -19.33
CA VAL B 163 0.02 31.57 -18.71
C VAL B 163 0.42 31.48 -17.22
N ALA B 164 -0.45 30.87 -16.39
CA ALA B 164 -0.22 30.70 -14.96
C ALA B 164 0.96 29.74 -14.69
N GLU B 165 1.14 28.73 -15.57
CA GLU B 165 2.22 27.73 -15.50
C GLU B 165 3.60 28.39 -15.49
N ALA B 166 3.82 29.40 -16.37
CA ALA B 166 5.08 30.13 -16.50
C ALA B 166 5.43 30.91 -15.22
N GLU B 167 4.42 31.55 -14.59
CA GLU B 167 4.59 32.32 -13.36
C GLU B 167 4.83 31.42 -12.14
N LEU B 168 4.06 30.32 -12.02
CA LEU B 168 4.17 29.37 -10.90
C LEU B 168 5.44 28.51 -10.93
N GLU B 169 5.99 28.24 -12.13
CA GLU B 169 7.20 27.43 -12.32
C GLU B 169 8.51 28.25 -12.36
N GLN B 170 8.41 29.59 -12.54
CA GLN B 170 9.55 30.52 -12.63
C GLN B 170 10.53 30.36 -11.46
N ASN B 171 10.00 30.39 -10.23
CA ASN B 171 10.75 30.21 -8.99
C ASN B 171 9.84 29.47 -8.01
N LEU B 172 10.02 28.14 -7.91
CA LEU B 172 9.23 27.24 -7.06
C LEU B 172 9.31 27.59 -5.59
N SER B 173 10.51 27.97 -5.09
CA SER B 173 10.73 28.36 -3.70
C SER B 173 9.93 29.63 -3.37
N ARG B 174 9.86 30.59 -4.32
CA ARG B 174 9.10 31.84 -4.20
C ARG B 174 7.59 31.54 -4.27
N THR B 175 7.19 30.59 -5.14
CA THR B 175 5.80 30.17 -5.35
C THR B 175 5.17 29.66 -4.04
N PHE B 176 5.81 28.66 -3.40
CA PHE B 176 5.32 28.07 -2.16
C PHE B 176 5.45 28.96 -0.92
N LYS B 177 6.47 29.84 -0.89
CA LYS B 177 6.67 30.77 0.23
C LYS B 177 5.63 31.88 0.20
N SER B 178 5.16 32.27 -1.00
CA SER B 178 4.15 33.31 -1.19
C SER B 178 2.73 32.78 -0.96
N LEU B 179 2.49 31.49 -1.29
CA LEU B 179 1.17 30.87 -1.13
C LEU B 179 0.93 30.34 0.28
N PHE B 180 1.81 29.46 0.79
CA PHE B 180 1.68 28.84 2.11
C PHE B 180 1.99 29.82 3.24
N ARG B 181 1.03 30.70 3.53
CA ARG B 181 1.13 31.74 4.57
C ARG B 181 -0.16 31.81 5.35
N ALA B 182 -0.10 32.37 6.57
CA ALA B 182 -1.29 32.62 7.38
C ALA B 182 -1.98 33.85 6.78
N SER B 183 -3.30 34.01 7.00
CA SER B 183 -4.08 35.12 6.45
C SER B 183 -3.53 36.52 6.74
N ASP B 184 -3.00 36.72 7.97
CA ASP B 184 -2.40 38.00 8.39
C ASP B 184 -1.04 38.24 7.72
N GLU B 185 -0.40 37.16 7.22
CA GLU B 185 0.89 37.18 6.53
C GLU B 185 0.74 37.20 5.00
N SER B 186 -0.50 36.97 4.51
CA SER B 186 -0.83 36.93 3.08
C SER B 186 -0.63 38.28 2.38
N VAL B 187 0.10 38.25 1.26
CA VAL B 187 0.39 39.44 0.45
C VAL B 187 -0.42 39.37 -0.87
N LEU B 188 -1.11 38.25 -1.11
CA LEU B 188 -1.93 38.00 -2.29
C LEU B 188 -3.16 38.89 -2.38
N SER B 189 -3.44 39.41 -3.58
CA SER B 189 -4.59 40.25 -3.90
C SER B 189 -5.27 39.65 -5.13
N MET B 190 -5.87 38.45 -4.93
CA MET B 190 -6.53 37.64 -5.96
C MET B 190 -7.80 38.24 -6.60
N HIS B 191 -8.29 39.39 -6.08
CA HIS B 191 -9.48 40.08 -6.59
C HIS B 191 -9.20 41.03 -7.77
N LYS B 192 -7.90 41.26 -8.08
CA LYS B 192 -7.49 42.14 -9.17
C LYS B 192 -6.28 41.55 -9.92
N VAL B 193 -6.53 40.49 -10.72
CA VAL B 193 -5.50 39.79 -11.51
C VAL B 193 -5.69 40.11 -13.01
N CYS B 194 -5.53 41.41 -13.36
CA CYS B 194 -5.68 41.94 -14.72
C CYS B 194 -4.83 43.20 -14.92
N GLU B 195 -4.88 44.13 -13.94
CA GLU B 195 -4.15 45.40 -13.93
C GLU B 195 -2.64 45.17 -13.79
N ALA B 196 -2.24 44.29 -12.84
CA ALA B 196 -0.85 43.96 -12.55
C ALA B 196 -0.37 42.73 -13.36
N GLY B 197 0.87 42.31 -13.12
CA GLY B 197 1.50 41.18 -13.79
C GLY B 197 1.69 39.95 -12.93
N GLY B 198 0.69 39.06 -12.96
CA GLY B 198 0.71 37.79 -12.24
C GLY B 198 -0.08 37.77 -10.94
N LEU B 199 0.18 36.73 -10.12
CA LEU B 199 -0.45 36.48 -8.82
C LEU B 199 0.46 36.95 -7.66
N PHE B 200 1.79 36.88 -7.85
CA PHE B 200 2.78 37.28 -6.85
C PHE B 200 3.44 38.63 -7.20
N VAL B 201 2.61 39.67 -7.31
CA VAL B 201 3.05 41.04 -7.65
C VAL B 201 3.52 41.77 -6.39
N ASN B 202 2.71 41.70 -5.31
CA ASN B 202 3.00 42.33 -4.03
C ASN B 202 4.09 41.58 -3.23
N SER B 203 4.31 40.29 -3.57
CA SER B 203 5.31 39.44 -2.93
C SER B 203 6.72 39.76 -3.44
N PRO B 204 7.76 39.80 -2.56
CA PRO B 204 9.11 40.10 -3.05
C PRO B 204 9.78 38.89 -3.70
N GLU B 205 10.94 39.09 -4.36
CA GLU B 205 11.72 38.05 -5.04
C GLU B 205 12.15 36.93 -4.09
N GLU B 206 12.49 37.30 -2.84
CA GLU B 206 12.88 36.37 -1.78
C GLU B 206 11.93 36.59 -0.59
N PRO B 207 10.73 35.95 -0.61
CA PRO B 207 9.77 36.17 0.49
C PRO B 207 10.17 35.48 1.80
N SER B 208 9.77 36.10 2.93
CA SER B 208 10.04 35.58 4.27
C SER B 208 9.29 34.28 4.52
N LEU B 209 9.85 33.42 5.38
CA LEU B 209 9.24 32.14 5.75
C LEU B 209 8.08 32.37 6.72
N SER B 210 6.90 31.80 6.41
CA SER B 210 5.69 31.90 7.23
C SER B 210 5.86 31.19 8.57
N ARG B 211 5.08 31.61 9.60
CA ARG B 211 5.12 31.02 10.94
C ARG B 211 4.63 29.55 11.01
N MET B 212 3.85 29.11 10.00
CA MET B 212 3.32 27.72 9.93
C MET B 212 4.32 26.72 9.36
N VAL B 213 5.15 27.15 8.39
CA VAL B 213 6.10 26.28 7.69
C VAL B 213 7.58 26.52 8.04
N THR B 214 8.41 25.48 7.84
CA THR B 214 9.87 25.51 8.01
C THR B 214 10.48 25.48 6.61
N GLU B 215 11.80 25.75 6.49
CA GLU B 215 12.51 25.76 5.22
C GLU B 215 12.49 24.38 4.54
N GLU B 216 12.67 23.29 5.31
CA GLU B 216 12.66 21.91 4.81
C GLU B 216 11.29 21.46 4.30
N GLU B 217 10.20 22.01 4.88
CA GLU B 217 8.82 21.72 4.46
C GLU B 217 8.55 22.35 3.10
N ILE B 218 9.04 23.59 2.87
CA ILE B 218 8.91 24.33 1.60
C ILE B 218 9.70 23.60 0.50
N GLN B 219 10.91 23.09 0.85
CA GLN B 219 11.78 22.35 -0.06
C GLN B 219 11.16 21.05 -0.58
N PHE B 220 10.27 20.40 0.22
CA PHE B 220 9.58 19.18 -0.17
C PHE B 220 8.64 19.41 -1.35
N TYR B 221 7.79 20.48 -1.27
CA TYR B 221 6.84 20.86 -2.32
C TYR B 221 7.57 21.24 -3.61
N VAL B 222 8.75 21.91 -3.50
CA VAL B 222 9.61 22.33 -4.60
C VAL B 222 10.08 21.08 -5.38
N GLN B 223 10.64 20.09 -4.67
CA GLN B 223 11.14 18.82 -5.23
C GLN B 223 10.04 18.01 -5.91
N GLN B 224 8.83 18.00 -5.31
CA GLN B 224 7.66 17.29 -5.83
C GLN B 224 7.15 17.89 -7.13
N PHE B 225 7.10 19.24 -7.20
CA PHE B 225 6.63 19.99 -8.37
C PHE B 225 7.64 20.10 -9.52
N LYS B 226 8.87 19.59 -9.33
CA LYS B 226 9.90 19.55 -10.36
C LYS B 226 9.63 18.41 -11.35
N LYS B 227 8.87 17.38 -10.89
CA LYS B 227 8.51 16.18 -11.64
C LYS B 227 7.53 16.44 -12.78
N SER B 228 6.43 17.18 -12.53
CA SER B 228 5.38 17.43 -13.53
C SER B 228 5.05 18.90 -13.80
N GLY B 229 5.33 19.77 -12.85
CA GLY B 229 5.06 21.20 -12.98
C GLY B 229 3.67 21.59 -12.49
N PHE B 230 3.08 22.61 -13.13
CA PHE B 230 1.77 23.15 -12.77
C PHE B 230 0.62 22.91 -13.76
N ARG B 231 0.90 22.29 -14.94
CA ARG B 231 -0.13 22.00 -15.96
C ARG B 231 -1.27 21.15 -15.40
N GLY B 232 -0.94 19.95 -14.89
CA GLY B 232 -1.89 19.02 -14.27
C GLY B 232 -2.69 19.68 -13.16
N PRO B 233 -2.01 20.24 -12.12
CA PRO B 233 -2.75 20.93 -11.03
C PRO B 233 -3.70 22.04 -11.48
N LEU B 234 -3.30 22.87 -12.47
CA LEU B 234 -4.11 23.98 -13.00
C LEU B 234 -5.28 23.52 -13.86
N ASN B 235 -5.22 22.30 -14.43
CA ASN B 235 -6.27 21.74 -15.26
C ASN B 235 -7.56 21.42 -14.46
N TRP B 236 -7.45 21.37 -13.11
CA TRP B 236 -8.57 21.15 -12.19
C TRP B 236 -9.54 22.35 -12.27
N TYR B 237 -9.02 23.54 -12.62
CA TYR B 237 -9.76 24.81 -12.76
C TYR B 237 -10.38 24.94 -14.15
N ARG B 238 -9.79 24.29 -15.17
CA ARG B 238 -10.18 24.37 -16.58
C ARG B 238 -11.32 23.45 -17.03
N ASN B 239 -12.15 22.97 -16.10
CA ASN B 239 -13.27 22.08 -16.40
C ASN B 239 -14.59 22.57 -15.78
N MET B 240 -14.73 23.90 -15.59
CA MET B 240 -15.89 24.56 -14.98
C MET B 240 -17.23 24.21 -15.61
N GLU B 241 -17.36 24.33 -16.96
CA GLU B 241 -18.59 24.01 -17.68
C GLU B 241 -18.88 22.51 -17.67
N ARG B 242 -17.85 21.68 -17.83
CA ARG B 242 -17.94 20.22 -17.82
C ARG B 242 -18.40 19.69 -16.45
N ASN B 243 -17.84 20.25 -15.35
CA ASN B 243 -18.20 19.87 -13.97
C ASN B 243 -19.62 20.31 -13.61
N TRP B 244 -20.04 21.49 -14.10
CA TRP B 244 -21.36 22.06 -13.89
C TRP B 244 -22.43 21.19 -14.57
N LYS B 245 -22.15 20.74 -15.82
CA LYS B 245 -23.04 19.88 -16.61
C LYS B 245 -23.23 18.52 -15.95
N TRP B 246 -22.15 17.95 -15.36
CA TRP B 246 -22.21 16.66 -14.66
C TRP B 246 -23.00 16.78 -13.36
N ALA B 247 -22.80 17.88 -12.61
CA ALA B 247 -23.51 18.16 -11.35
C ALA B 247 -25.02 18.34 -11.56
N CYS B 248 -25.42 18.83 -12.75
CA CYS B 248 -26.83 19.03 -13.14
C CYS B 248 -27.57 17.71 -13.37
N LYS B 249 -26.84 16.61 -13.62
CA LYS B 249 -27.41 15.28 -13.84
C LYS B 249 -27.93 14.63 -12.54
N SER B 250 -27.41 15.07 -11.38
CA SER B 250 -27.81 14.57 -10.06
C SER B 250 -29.05 15.27 -9.52
N LEU B 251 -29.21 16.57 -9.88
CA LEU B 251 -30.28 17.52 -9.51
C LEU B 251 -31.51 16.98 -8.77
N GLY B 252 -31.69 17.45 -7.54
CA GLY B 252 -32.81 17.06 -6.69
C GLY B 252 -32.43 16.12 -5.56
N ARG B 253 -31.56 15.12 -5.86
CA ARG B 253 -31.11 14.12 -4.89
C ARG B 253 -30.27 14.70 -3.75
N LYS B 254 -30.31 14.02 -2.59
CA LYS B 254 -29.60 14.41 -1.37
C LYS B 254 -28.49 13.43 -1.02
N ILE B 255 -27.44 13.93 -0.32
CA ILE B 255 -26.33 13.11 0.16
C ILE B 255 -26.84 12.55 1.50
N LEU B 256 -27.15 11.25 1.55
CA LEU B 256 -27.74 10.59 2.72
C LEU B 256 -26.73 9.98 3.72
N ILE B 257 -25.47 9.80 3.29
CA ILE B 257 -24.39 9.23 4.11
C ILE B 257 -23.91 10.23 5.20
N PRO B 258 -23.22 9.79 6.29
CA PRO B 258 -22.76 10.77 7.30
C PRO B 258 -21.77 11.78 6.70
N ALA B 259 -21.92 13.06 7.08
CA ALA B 259 -21.08 14.14 6.54
C ALA B 259 -20.64 15.17 7.57
N LEU B 260 -19.47 15.80 7.30
CA LEU B 260 -18.89 16.84 8.14
C LEU B 260 -18.38 17.99 7.28
N MET B 261 -18.77 19.22 7.64
CA MET B 261 -18.32 20.44 6.97
C MET B 261 -17.49 21.25 7.95
N VAL B 262 -16.19 21.42 7.64
CA VAL B 262 -15.24 22.17 8.48
C VAL B 262 -14.93 23.49 7.81
N THR B 263 -15.33 24.60 8.45
CA THR B 263 -15.09 25.95 7.94
C THR B 263 -13.89 26.59 8.61
N ALA B 264 -13.18 27.44 7.85
CA ALA B 264 -12.02 28.19 8.32
C ALA B 264 -12.36 29.68 8.31
N GLU B 265 -12.36 30.30 9.51
CA GLU B 265 -12.70 31.71 9.76
C GLU B 265 -11.98 32.70 8.84
N LYS B 266 -10.68 32.48 8.59
CA LYS B 266 -9.83 33.38 7.80
C LYS B 266 -9.58 33.03 6.33
N ASP B 267 -10.31 32.04 5.76
CA ASP B 267 -10.19 31.70 4.34
C ASP B 267 -11.05 32.72 3.60
N PHE B 268 -10.41 33.66 2.88
CA PHE B 268 -11.11 34.74 2.17
C PHE B 268 -11.68 34.35 0.79
N VAL B 269 -11.38 33.12 0.34
CA VAL B 269 -11.89 32.58 -0.92
C VAL B 269 -13.05 31.62 -0.61
N LEU B 270 -12.78 30.58 0.19
CA LEU B 270 -13.79 29.59 0.59
C LEU B 270 -14.30 30.00 1.97
N VAL B 271 -15.01 31.15 2.00
CA VAL B 271 -15.59 31.80 3.18
C VAL B 271 -16.59 30.89 3.92
N PRO B 272 -16.67 30.93 5.29
CA PRO B 272 -17.63 30.07 5.99
C PRO B 272 -19.10 30.27 5.61
N GLN B 273 -19.47 31.50 5.19
CA GLN B 273 -20.84 31.85 4.77
C GLN B 273 -21.29 31.10 3.49
N MET B 274 -20.34 30.62 2.67
CA MET B 274 -20.63 29.85 1.45
C MET B 274 -21.26 28.50 1.79
N SER B 275 -20.97 27.97 3.00
CA SER B 275 -21.48 26.68 3.48
C SER B 275 -22.90 26.72 4.04
N GLN B 276 -23.55 27.91 4.09
CA GLN B 276 -24.91 28.06 4.62
C GLN B 276 -25.97 27.28 3.82
N HIS B 277 -27.00 26.77 4.51
CA HIS B 277 -28.12 25.98 3.98
C HIS B 277 -27.71 24.64 3.35
N MET B 278 -26.52 24.11 3.70
CA MET B 278 -25.99 22.84 3.21
C MET B 278 -26.75 21.64 3.79
N GLU B 279 -27.32 21.82 5.00
CA GLU B 279 -28.11 20.80 5.70
C GLU B 279 -29.41 20.44 4.98
N ASP B 280 -29.90 21.33 4.09
CA ASP B 280 -31.10 21.13 3.28
C ASP B 280 -30.84 20.01 2.26
N TRP B 281 -29.62 19.99 1.67
CA TRP B 281 -29.18 19.02 0.67
C TRP B 281 -28.47 17.82 1.32
N ILE B 282 -27.97 17.99 2.57
CA ILE B 282 -27.26 16.95 3.34
C ILE B 282 -27.92 16.81 4.73
N PRO B 283 -28.91 15.88 4.90
CA PRO B 283 -29.61 15.77 6.19
C PRO B 283 -28.78 15.37 7.40
N HIS B 284 -27.75 14.50 7.22
CA HIS B 284 -26.90 14.03 8.32
C HIS B 284 -25.57 14.82 8.43
N LEU B 285 -25.60 16.12 8.08
CA LEU B 285 -24.42 17.00 8.12
C LEU B 285 -24.07 17.46 9.53
N LYS B 286 -22.78 17.28 9.89
CA LYS B 286 -22.20 17.72 11.16
C LYS B 286 -21.30 18.92 10.88
N ARG B 287 -21.13 19.81 11.87
CA ARG B 287 -20.33 21.02 11.65
C ARG B 287 -19.10 21.19 12.54
N GLY B 288 -18.11 21.86 11.96
CA GLY B 288 -16.85 22.21 12.58
C GLY B 288 -16.40 23.58 12.11
N HIS B 289 -15.81 24.38 13.01
CA HIS B 289 -15.35 25.73 12.67
C HIS B 289 -14.06 26.05 13.40
N ILE B 290 -13.01 26.41 12.65
CA ILE B 290 -11.72 26.76 13.24
C ILE B 290 -11.46 28.26 13.13
N GLU B 291 -11.35 28.91 14.28
CA GLU B 291 -11.06 30.34 14.40
C GLU B 291 -9.56 30.53 14.18
N ASP B 292 -9.15 31.73 13.69
CA ASP B 292 -7.76 32.10 13.39
C ASP B 292 -7.11 31.10 12.40
N CYS B 293 -7.93 30.59 11.47
CA CYS B 293 -7.51 29.61 10.49
C CYS B 293 -7.71 30.10 9.06
N GLY B 294 -6.61 30.18 8.32
CA GLY B 294 -6.61 30.61 6.92
C GLY B 294 -7.01 29.52 5.95
N HIS B 295 -6.62 29.67 4.68
CA HIS B 295 -6.94 28.72 3.62
C HIS B 295 -6.24 27.36 3.81
N TRP B 296 -4.97 27.39 4.22
CA TRP B 296 -4.13 26.22 4.42
C TRP B 296 -4.38 25.58 5.79
N THR B 297 -5.63 25.10 5.97
CA THR B 297 -6.22 24.51 7.19
C THR B 297 -5.31 23.55 7.96
N GLN B 298 -4.82 22.49 7.30
CA GLN B 298 -3.94 21.46 7.90
C GLN B 298 -2.60 22.05 8.36
N MET B 299 -2.06 23.00 7.59
CA MET B 299 -0.80 23.73 7.82
C MET B 299 -0.96 24.71 8.99
N ASP B 300 -2.03 25.53 8.94
CA ASP B 300 -2.37 26.58 9.90
C ASP B 300 -2.70 26.05 11.30
N LYS B 301 -3.78 25.25 11.42
CA LYS B 301 -4.22 24.71 12.71
C LYS B 301 -4.26 23.17 12.71
N PRO B 302 -3.08 22.49 12.78
CA PRO B 302 -3.09 21.01 12.75
C PRO B 302 -3.76 20.31 13.93
N THR B 303 -3.55 20.81 15.17
CA THR B 303 -4.12 20.24 16.40
C THR B 303 -5.66 20.28 16.37
N GLU B 304 -6.23 21.42 15.92
CA GLU B 304 -7.67 21.62 15.81
C GLU B 304 -8.30 20.70 14.77
N VAL B 305 -7.63 20.53 13.60
CA VAL B 305 -8.05 19.65 12.51
C VAL B 305 -8.13 18.19 13.01
N ASN B 306 -7.05 17.70 13.66
CA ASN B 306 -6.95 16.34 14.20
C ASN B 306 -8.08 16.05 15.20
N GLN B 307 -8.30 16.95 16.18
CA GLN B 307 -9.35 16.84 17.19
C GLN B 307 -10.75 16.76 16.59
N ILE B 308 -11.06 17.63 15.60
CA ILE B 308 -12.35 17.67 14.91
C ILE B 308 -12.55 16.39 14.08
N LEU B 309 -11.52 15.97 13.32
CA LEU B 309 -11.59 14.75 12.49
C LEU B 309 -11.74 13.47 13.30
N ILE B 310 -10.94 13.29 14.38
CA ILE B 310 -10.99 12.11 15.27
C ILE B 310 -12.35 11.97 15.96
N LYS B 311 -12.88 13.07 16.55
CA LYS B 311 -14.17 13.10 17.24
C LYS B 311 -15.32 12.70 16.29
N TRP B 312 -15.31 13.24 15.05
CA TRP B 312 -16.33 12.94 14.05
C TRP B 312 -16.23 11.50 13.52
N LEU B 313 -14.99 11.00 13.30
CA LEU B 313 -14.75 9.63 12.81
C LEU B 313 -15.22 8.58 13.82
N ASP B 314 -14.93 8.78 15.11
CA ASP B 314 -15.31 7.87 16.20
C ASP B 314 -16.82 7.79 16.45
N SER B 315 -17.56 8.88 16.14
CA SER B 315 -19.01 8.94 16.37
C SER B 315 -19.88 8.75 15.13
N ASP B 316 -19.42 9.22 13.96
CA ASP B 316 -20.20 9.15 12.72
C ASP B 316 -19.71 8.18 11.62
N ALA B 317 -18.42 7.82 11.64
CA ALA B 317 -17.85 6.92 10.63
C ALA B 317 -17.73 5.46 11.07
N ARG B 318 -17.78 5.20 12.40
CA ARG B 318 -17.68 3.86 12.98
C ARG B 318 -19.05 3.32 13.37
#